data_7L67
#
_entry.id   7L67
#
_cell.length_a   34.120
_cell.length_b   54.245
_cell.length_c   35.805
_cell.angle_alpha   90.000
_cell.angle_beta   94.990
_cell.angle_gamma   90.000
#
_symmetry.space_group_name_H-M   'P 1 21 1'
#
loop_
_entity.id
_entity.type
_entity.pdbx_description
1 polymer 'Macrophage mannose receptor 1'
2 branched alpha-L-fucopyranose-(1-3)-2-acetamido-2-deoxy-beta-D-glucopyranose
3 non-polymer 'CALCIUM ION'
4 water water
#
_entity_poly.entity_id   1
_entity_poly.type   'polypeptide(L)'
_entity_poly.pdbx_seq_one_letter_code
;ACPEDWGASSRTSLCFKLYAKGKHEKKTWFESRDFCRALGGDLASINNKEEQQTIWRLITASGSYHKLFWLGLTYGSPSE
GFTWSDGSPVSYENWAYGEPNNYQNVEYCGELKGDPTMSWNDINCEHLNNWICQI
;
_entity_poly.pdbx_strand_id   A
#
# COMPACT_ATOMS: atom_id res chain seq x y z
N ALA A 1 -11.13 -6.21 -16.75
CA ALA A 1 -10.36 -7.42 -16.52
C ALA A 1 -8.94 -7.09 -16.09
N CYS A 2 -8.33 -7.98 -15.25
CA CYS A 2 -6.97 -7.80 -14.74
C CYS A 2 -5.98 -8.65 -15.52
N PRO A 3 -4.72 -8.22 -15.59
CA PRO A 3 -3.68 -9.10 -16.13
C PRO A 3 -3.57 -10.37 -15.31
N GLU A 4 -3.07 -11.42 -15.97
CA GLU A 4 -2.75 -12.67 -15.30
C GLU A 4 -1.86 -12.40 -14.09
N ASP A 5 -2.20 -13.02 -12.97
CA ASP A 5 -1.51 -12.92 -11.68
C ASP A 5 -1.80 -11.61 -10.94
N TRP A 6 -2.74 -10.80 -11.42
CA TRP A 6 -3.10 -9.56 -10.75
C TRP A 6 -4.55 -9.50 -10.27
N GLY A 7 -5.40 -10.43 -10.69
CA GLY A 7 -6.78 -10.41 -10.26
C GLY A 7 -7.67 -11.17 -11.23
N ALA A 8 -8.97 -10.88 -11.14
CA ALA A 8 -10.00 -11.61 -11.87
C ALA A 8 -10.30 -10.92 -13.20
N SER A 9 -11.22 -11.52 -13.96
CA SER A 9 -11.48 -11.10 -15.34
C SER A 9 -12.75 -10.26 -15.49
N SER A 10 -13.46 -9.97 -14.41
CA SER A 10 -14.70 -9.23 -14.55
C SER A 10 -14.43 -7.73 -14.72
N ARG A 11 -15.46 -7.03 -15.21
CA ARG A 11 -15.34 -5.59 -15.44
C ARG A 11 -15.04 -4.82 -14.16
N THR A 12 -15.55 -5.29 -13.03
CA THR A 12 -15.34 -4.63 -11.74
C THR A 12 -14.11 -5.13 -10.99
N SER A 13 -13.28 -5.96 -11.63
CA SER A 13 -12.14 -6.54 -10.93
C SER A 13 -11.05 -5.51 -10.71
N LEU A 14 -10.53 -5.45 -9.50
CA LEU A 14 -9.41 -4.60 -9.15
C LEU A 14 -8.12 -5.42 -9.14
N CYS A 15 -7.05 -4.84 -9.64
CA CYS A 15 -5.81 -5.57 -9.92
C CYS A 15 -4.72 -5.11 -8.96
N PHE A 16 -4.22 -6.03 -8.13
CA PHE A 16 -3.16 -5.76 -7.18
C PHE A 16 -2.17 -6.92 -7.22
N LYS A 17 -0.92 -6.63 -6.85
CA LYS A 17 0.09 -7.68 -6.77
C LYS A 17 1.02 -7.38 -5.61
N LEU A 18 1.21 -8.37 -4.76
CA LEU A 18 2.13 -8.26 -3.63
C LEU A 18 3.56 -8.48 -4.08
N TYR A 19 4.47 -7.69 -3.51
CA TYR A 19 5.91 -7.86 -3.70
C TYR A 19 6.53 -8.01 -2.32
N ALA A 20 6.63 -9.26 -1.87
CA ALA A 20 7.32 -9.57 -0.62
C ALA A 20 8.75 -9.95 -0.96
N LYS A 21 9.71 -9.29 -0.32
CA LYS A 21 11.11 -9.45 -0.64
C LYS A 21 11.92 -9.64 0.63
N GLY A 22 13.03 -10.36 0.51
CA GLY A 22 14.02 -10.37 1.57
C GLY A 22 14.68 -9.01 1.70
N LYS A 23 15.41 -8.82 2.80
CA LYS A 23 15.88 -7.48 3.14
C LYS A 23 16.78 -6.88 2.06
N HIS A 24 17.51 -7.70 1.32
CA HIS A 24 18.37 -7.15 0.28
C HIS A 24 17.62 -6.79 -0.99
N GLU A 25 16.32 -7.02 -1.03
CA GLU A 25 15.51 -6.65 -2.18
C GLU A 25 14.31 -5.79 -1.80
N LYS A 26 14.18 -5.42 -0.54
CA LYS A 26 13.16 -4.46 -0.14
C LYS A 26 13.53 -3.07 -0.66
N LYS A 27 12.54 -2.18 -0.70
CA LYS A 27 12.69 -0.90 -1.36
C LYS A 27 12.17 0.22 -0.47
N THR A 28 12.70 1.42 -0.68
CA THR A 28 12.12 2.59 -0.07
C THR A 28 10.77 2.89 -0.72
N TRP A 29 10.04 3.83 -0.15
CA TRP A 29 8.75 4.17 -0.72
C TRP A 29 8.90 4.66 -2.16
N PHE A 30 9.85 5.56 -2.39
CA PHE A 30 10.05 6.11 -3.72
C PHE A 30 10.50 5.06 -4.70
N GLU A 31 11.39 4.16 -4.28
CA GLU A 31 11.83 3.09 -5.17
C GLU A 31 10.66 2.18 -5.53
N SER A 32 9.78 1.90 -4.56
CA SER A 32 8.63 1.05 -4.81
C SER A 32 7.66 1.74 -5.77
N ARG A 33 7.41 3.03 -5.55
CA ARG A 33 6.57 3.78 -6.47
C ARG A 33 7.12 3.68 -7.89
N ASP A 34 8.43 3.91 -8.04
CA ASP A 34 9.02 3.87 -9.37
C ASP A 34 8.92 2.48 -9.99
N PHE A 35 9.09 1.43 -9.19
CA PHE A 35 8.95 0.07 -9.70
C PHE A 35 7.56 -0.17 -10.25
N CYS A 36 6.54 0.19 -9.48
CA CYS A 36 5.17 -0.04 -9.93
C CYS A 36 4.84 0.81 -11.15
N ARG A 37 5.32 2.05 -11.16
CA ARG A 37 5.05 2.93 -12.30
C ARG A 37 5.73 2.44 -13.57
N ALA A 38 6.90 1.81 -13.45
CA ALA A 38 7.58 1.30 -14.64
C ALA A 38 6.76 0.22 -15.34
N LEU A 39 5.90 -0.47 -14.60
CA LEU A 39 5.01 -1.47 -15.17
C LEU A 39 3.73 -0.87 -15.73
N GLY A 40 3.57 0.44 -15.66
CA GLY A 40 2.35 1.08 -16.09
C GLY A 40 1.33 1.22 -14.99
N GLY A 41 1.69 0.88 -13.76
CA GLY A 41 0.79 0.97 -12.63
C GLY A 41 1.25 1.99 -11.61
N ASP A 42 1.01 1.70 -10.34
CA ASP A 42 1.41 2.60 -9.27
C ASP A 42 1.40 1.77 -8.00
N LEU A 43 1.93 2.34 -6.93
CA LEU A 43 1.69 1.74 -5.63
C LEU A 43 0.19 1.66 -5.40
N ALA A 44 -0.21 0.64 -4.65
CA ALA A 44 -1.63 0.38 -4.43
C ALA A 44 -2.28 1.49 -3.63
N SER A 45 -3.42 1.96 -4.13
CA SER A 45 -4.35 2.73 -3.32
C SER A 45 -5.46 1.78 -2.86
N ILE A 46 -5.95 2.01 -1.65
CA ILE A 46 -7.02 1.22 -1.06
C ILE A 46 -8.19 2.18 -0.89
N ASN A 47 -9.10 2.18 -1.84
CA ASN A 47 -10.13 3.21 -1.93
C ASN A 47 -11.38 2.87 -1.14
N ASN A 48 -11.51 1.66 -0.63
CA ASN A 48 -12.72 1.23 0.06
C ASN A 48 -12.44 -0.12 0.71
N LYS A 49 -13.41 -0.59 1.48
CA LYS A 49 -13.26 -1.85 2.19
C LYS A 49 -13.24 -3.04 1.25
N GLU A 50 -13.79 -2.90 0.04
CA GLU A 50 -13.74 -3.98 -0.92
C GLU A 50 -12.31 -4.23 -1.40
N GLU A 51 -11.60 -3.15 -1.71
CA GLU A 51 -10.20 -3.29 -2.11
C GLU A 51 -9.35 -3.81 -0.97
N GLN A 52 -9.67 -3.40 0.26
CA GLN A 52 -8.97 -3.95 1.42
C GLN A 52 -9.14 -5.46 1.49
N GLN A 53 -10.36 -5.95 1.31
CA GLN A 53 -10.60 -7.39 1.32
C GLN A 53 -9.81 -8.08 0.21
N THR A 54 -9.78 -7.48 -0.97
CA THR A 54 -9.04 -8.09 -2.09
C THR A 54 -7.58 -8.27 -1.72
N ILE A 55 -6.96 -7.24 -1.15
CA ILE A 55 -5.55 -7.32 -0.79
C ILE A 55 -5.35 -8.30 0.36
N TRP A 56 -6.23 -8.26 1.37
CA TRP A 56 -6.11 -9.20 2.46
C TRP A 56 -6.15 -10.63 1.95
N ARG A 57 -7.08 -10.93 1.04
CA ARG A 57 -7.16 -12.28 0.46
CA ARG A 57 -7.12 -12.30 0.55
C ARG A 57 -5.84 -12.67 -0.18
N LEU A 58 -5.24 -11.75 -0.93
CA LEU A 58 -3.94 -12.01 -1.54
C LEU A 58 -2.89 -12.34 -0.49
N ILE A 59 -2.90 -11.61 0.63
CA ILE A 59 -1.97 -11.89 1.71
C ILE A 59 -2.22 -13.28 2.29
N THR A 60 -3.49 -13.66 2.48
CA THR A 60 -3.75 -14.98 3.04
C THR A 60 -3.22 -16.07 2.12
N ALA A 61 -3.38 -15.87 0.80
CA ALA A 61 -2.89 -16.85 -0.15
C ALA A 61 -1.37 -16.94 -0.14
N SER A 62 -0.69 -15.90 0.34
CA SER A 62 0.76 -15.86 0.34
CA SER A 62 0.77 -15.87 0.34
C SER A 62 1.38 -16.73 1.42
N GLY A 63 0.59 -17.17 2.40
CA GLY A 63 1.10 -18.00 3.47
C GLY A 63 1.99 -17.29 4.46
N SER A 64 2.09 -15.96 4.38
CA SER A 64 2.94 -15.20 5.26
C SER A 64 2.17 -14.00 5.78
N TYR A 65 2.17 -13.85 7.10
CA TYR A 65 1.47 -12.77 7.76
C TYR A 65 2.47 -11.86 8.46
N HIS A 66 1.95 -10.77 9.01
CA HIS A 66 2.67 -9.80 9.82
C HIS A 66 3.62 -8.94 9.01
N LYS A 67 3.75 -9.16 7.70
CA LYS A 67 4.67 -8.37 6.90
C LYS A 67 4.12 -6.98 6.69
N LEU A 68 5.03 -6.04 6.47
CA LEU A 68 4.71 -4.65 6.24
C LEU A 68 4.92 -4.35 4.77
N PHE A 69 3.99 -3.60 4.19
CA PHE A 69 4.00 -3.31 2.76
C PHE A 69 3.79 -1.84 2.54
N TRP A 70 4.61 -1.22 1.68
CA TRP A 70 4.26 0.11 1.22
C TRP A 70 2.95 0.10 0.46
N LEU A 71 2.12 1.09 0.75
CA LEU A 71 0.99 1.49 -0.08
C LEU A 71 1.33 2.84 -0.72
N GLY A 72 0.43 3.31 -1.58
CA GLY A 72 0.63 4.59 -2.23
C GLY A 72 0.41 5.82 -1.37
N LEU A 73 0.42 5.68 -0.05
CA LEU A 73 0.21 6.81 0.86
C LEU A 73 1.46 7.67 0.94
N THR A 74 1.33 8.95 0.59
CA THR A 74 2.41 9.91 0.71
C THR A 74 1.84 11.24 1.15
N TYR A 75 2.52 11.87 2.08
CA TYR A 75 2.07 13.17 2.57
C TYR A 75 2.20 14.22 1.48
N GLY A 76 1.24 15.13 1.42
CA GLY A 76 1.34 16.23 0.48
C GLY A 76 1.76 17.51 1.17
N SER A 77 0.99 18.57 0.97
CA SER A 77 1.17 19.82 1.68
C SER A 77 0.61 19.67 3.10
N PRO A 78 0.94 20.59 4.00
CA PRO A 78 0.38 20.51 5.36
C PRO A 78 -1.13 20.52 5.42
N SER A 79 -1.79 21.23 4.50
CA SER A 79 -3.26 21.26 4.52
C SER A 79 -3.85 19.99 3.89
N GLU A 80 -3.14 19.37 2.94
CA GLU A 80 -3.62 18.14 2.33
C GLU A 80 -3.50 16.95 3.28
N GLY A 81 -2.40 16.88 4.02
CA GLY A 81 -2.09 15.65 4.70
C GLY A 81 -1.81 14.54 3.69
N PHE A 82 -2.20 13.33 4.05
CA PHE A 82 -1.91 12.19 3.20
C PHE A 82 -2.71 12.20 1.90
N THR A 83 -2.04 11.75 0.83
CA THR A 83 -2.60 11.59 -0.49
C THR A 83 -2.26 10.19 -0.97
N TRP A 84 -2.93 9.78 -2.05
CA TRP A 84 -2.56 8.57 -2.77
C TRP A 84 -1.72 8.94 -3.97
N SER A 85 -0.66 8.17 -4.21
CA SER A 85 0.24 8.49 -5.32
C SER A 85 -0.49 8.42 -6.65
N ASP A 86 -1.54 7.61 -6.77
CA ASP A 86 -2.29 7.53 -8.01
C ASP A 86 -3.29 8.68 -8.19
N GLY A 87 -3.34 9.64 -7.27
CA GLY A 87 -4.20 10.79 -7.39
C GLY A 87 -5.62 10.60 -6.90
N SER A 88 -6.00 9.40 -6.49
CA SER A 88 -7.36 9.24 -6.02
CA SER A 88 -7.32 9.12 -5.94
C SER A 88 -7.51 9.89 -4.63
N PRO A 89 -8.73 10.29 -4.30
CA PRO A 89 -8.94 10.90 -2.98
C PRO A 89 -8.77 9.88 -1.87
N VAL A 90 -8.33 10.37 -0.71
CA VAL A 90 -8.25 9.52 0.48
C VAL A 90 -9.61 9.60 1.16
N SER A 91 -10.57 8.89 0.57
N SER A 91 -10.56 8.83 0.61
CA SER A 91 -11.92 8.88 1.14
CA SER A 91 -11.95 8.85 1.06
C SER A 91 -12.02 7.85 2.26
C SER A 91 -12.30 7.72 2.02
N TYR A 92 -11.51 6.66 2.00
CA TYR A 92 -11.56 5.57 2.97
C TYR A 92 -10.22 5.58 3.70
N GLU A 93 -10.26 5.33 5.00
CA GLU A 93 -9.00 5.23 5.74
C GLU A 93 -9.08 4.05 6.69
N ASN A 94 -7.94 3.43 6.92
CA ASN A 94 -7.84 2.36 7.91
C ASN A 94 -6.57 2.51 8.74
N TRP A 95 -6.27 3.73 9.16
CA TRP A 95 -5.14 3.97 10.04
C TRP A 95 -5.28 3.15 11.31
N ALA A 96 -4.15 2.62 11.78
CA ALA A 96 -4.11 2.02 13.11
C ALA A 96 -4.41 3.08 14.16
N TYR A 97 -4.71 2.60 15.37
CA TYR A 97 -5.06 3.50 16.47
C TYR A 97 -3.99 4.56 16.66
N GLY A 98 -4.40 5.83 16.66
CA GLY A 98 -3.50 6.93 16.88
C GLY A 98 -2.69 7.36 15.70
N GLU A 99 -2.84 6.70 14.55
CA GLU A 99 -2.10 7.04 13.35
C GLU A 99 -2.98 7.87 12.41
N PRO A 100 -2.39 8.68 11.52
CA PRO A 100 -0.95 8.91 11.40
C PRO A 100 -0.49 9.85 12.51
N ASN A 101 0.66 9.55 13.11
CA ASN A 101 1.14 10.33 14.24
C ASN A 101 2.38 11.15 13.91
N ASN A 102 2.92 11.04 12.71
CA ASN A 102 4.17 11.69 12.31
C ASN A 102 5.20 11.65 13.44
N TYR A 103 5.51 10.43 13.87
CA TYR A 103 6.37 10.27 15.02
C TYR A 103 7.75 10.86 14.75
N GLN A 104 8.18 11.75 15.64
CA GLN A 104 9.45 12.47 15.52
C GLN A 104 9.53 13.33 14.26
N ASN A 105 8.38 13.61 13.64
CA ASN A 105 8.28 14.52 12.51
C ASN A 105 8.96 14.00 11.25
N VAL A 106 9.18 12.70 11.14
CA VAL A 106 9.93 12.16 10.01
C VAL A 106 9.15 11.11 9.22
N GLU A 107 7.82 11.05 9.38
CA GLU A 107 7.03 9.95 8.81
C GLU A 107 6.06 10.49 7.76
N TYR A 108 6.42 10.36 6.49
CA TYR A 108 5.62 10.96 5.42
C TYR A 108 5.13 9.96 4.40
N CYS A 109 5.26 8.67 4.66
CA CYS A 109 4.76 7.62 3.78
C CYS A 109 3.97 6.64 4.62
N GLY A 110 3.06 5.91 3.97
CA GLY A 110 2.18 4.99 4.65
C GLY A 110 2.45 3.54 4.29
N GLU A 111 2.41 2.69 5.31
CA GLU A 111 2.62 1.27 5.17
C GLU A 111 1.42 0.51 5.72
N LEU A 112 1.16 -0.63 5.10
CA LEU A 112 0.13 -1.58 5.52
C LEU A 112 0.76 -2.66 6.39
N LYS A 113 0.11 -2.94 7.51
CA LYS A 113 0.46 -4.10 8.32
C LYS A 113 -0.40 -5.25 7.83
N GLY A 114 0.23 -6.24 7.23
CA GLY A 114 -0.46 -7.33 6.56
C GLY A 114 -0.96 -8.41 7.49
N ASP A 115 -1.76 -8.02 8.47
CA ASP A 115 -2.40 -8.98 9.34
C ASP A 115 -3.90 -8.72 9.24
N PRO A 116 -4.76 -9.44 9.96
CA PRO A 116 -6.20 -9.27 9.73
C PRO A 116 -6.70 -7.85 9.90
N THR A 117 -6.04 -7.04 10.74
CA THR A 117 -6.46 -5.66 10.93
C THR A 117 -6.30 -4.83 9.65
N MET A 118 -5.33 -5.18 8.80
CA MET A 118 -5.07 -4.44 7.57
C MET A 118 -4.88 -2.95 7.83
N SER A 119 -4.26 -2.62 8.96
CA SER A 119 -4.15 -1.25 9.41
CA SER A 119 -4.15 -1.25 9.41
C SER A 119 -2.98 -0.53 8.74
N TRP A 120 -3.06 0.80 8.75
CA TRP A 120 -2.04 1.65 8.14
C TRP A 120 -1.27 2.41 9.22
N ASN A 121 0.00 2.65 8.94
CA ASN A 121 0.85 3.44 9.82
C ASN A 121 1.72 4.33 8.95
N ASP A 122 1.88 5.58 9.36
CA ASP A 122 2.87 6.43 8.72
C ASP A 122 4.24 6.12 9.28
N ILE A 123 5.22 6.05 8.39
CA ILE A 123 6.57 5.65 8.74
CA ILE A 123 6.58 5.69 8.77
C ILE A 123 7.54 6.44 7.86
N ASN A 124 8.81 6.42 8.22
CA ASN A 124 9.82 7.10 7.44
C ASN A 124 9.91 6.50 6.04
N CYS A 125 9.88 7.37 5.03
CA CYS A 125 9.83 6.95 3.64
C CYS A 125 11.08 6.22 3.19
N GLU A 126 12.19 6.35 3.92
N GLU A 126 12.19 6.35 3.91
CA GLU A 126 13.44 5.71 3.54
CA GLU A 126 13.43 5.70 3.53
C GLU A 126 13.58 4.32 4.14
C GLU A 126 13.64 4.35 4.22
N HIS A 127 12.65 3.88 4.97
CA HIS A 127 12.67 2.49 5.40
C HIS A 127 12.54 1.57 4.21
N LEU A 128 13.11 0.38 4.32
CA LEU A 128 12.99 -0.64 3.29
C LEU A 128 11.82 -1.53 3.65
N ASN A 129 10.87 -1.67 2.73
CA ASN A 129 9.69 -2.48 2.97
C ASN A 129 9.41 -3.35 1.75
N ASN A 130 8.52 -4.33 1.96
CA ASN A 130 7.80 -4.92 0.85
C ASN A 130 6.88 -3.87 0.25
N TRP A 131 6.19 -4.20 -0.84
CA TRP A 131 5.28 -3.23 -1.42
C TRP A 131 4.18 -3.94 -2.18
N ILE A 132 3.13 -3.18 -2.49
CA ILE A 132 2.00 -3.68 -3.27
C ILE A 132 1.79 -2.74 -4.44
N CYS A 133 1.78 -3.29 -5.65
CA CYS A 133 1.45 -2.52 -6.82
C CYS A 133 -0.01 -2.73 -7.20
N GLN A 134 -0.54 -1.77 -7.96
CA GLN A 134 -1.79 -1.93 -8.67
C GLN A 134 -1.54 -1.67 -10.15
N ILE A 135 -2.47 -2.11 -10.97
CA ILE A 135 -2.44 -1.76 -12.39
C ILE A 135 -3.87 -1.59 -12.90
#